data_7IAU
#
_entry.id   7IAU
#
_cell.length_a   60.330
_cell.length_b   60.330
_cell.length_c   214.790
_cell.angle_alpha   90.00
_cell.angle_beta   90.00
_cell.angle_gamma   90.00
#
_symmetry.space_group_name_H-M   'P 43 21 2'
#
loop_
_entity.id
_entity.type
_entity.pdbx_description
1 polymer 'NS2B co-factor'
2 polymer 'NS3 protease'
3 non-polymer 4-[2-(methylamino)ethyl]benzonitrile
4 water water
#
loop_
_entity_poly.entity_id
_entity_poly.type
_entity_poly.pdbx_seq_one_letter_code
_entity_poly.pdbx_strand_id
1 'polypeptide(L)' MTGKSVDMYIERAGDITWEKDAEVTGNSPRLDVALDESGDFSLVEEDGPPMRE A,C
2 'polypeptide(L)'
;GALWDVPAPKEVKKGETTDGVYRVMTRRLLGSTQVGVGVMQEGVFHTMWHVTKGAALRSGEGRLDPYWGDVKQDLVSYCG
PWKLDAAWDGLSEVQLLAVPPGERAKNIQTLPGIFKTKDGDIGAVALDYPAGTSGSPILDKSGRVIGLYGNGVVIKNGSY
VSAITQGKREEETPVE
;
B,D
#
loop_
_chem_comp.id
_chem_comp.type
_chem_comp.name
_chem_comp.formula
A1CDZ non-polymer 4-[2-(methylamino)ethyl]benzonitrile 'C10 H12 N2'
#
# COMPACT_ATOMS: atom_id res chain seq x y z
N VAL A 6 14.89 -18.90 4.49
CA VAL A 6 13.95 -17.79 4.59
C VAL A 6 13.07 -17.93 5.83
N ASP A 7 13.12 -16.92 6.68
CA ASP A 7 12.49 -16.95 8.00
C ASP A 7 11.17 -16.20 7.88
N MET A 8 10.06 -16.95 7.80
CA MET A 8 8.72 -16.39 7.82
C MET A 8 8.19 -16.38 9.27
N TYR A 9 7.54 -15.27 9.68
CA TYR A 9 7.12 -15.10 11.07
C TYR A 9 5.88 -14.23 11.11
N ILE A 10 5.21 -14.22 12.26
CA ILE A 10 3.94 -13.49 12.41
C ILE A 10 4.02 -12.53 13.59
N GLU A 11 3.33 -11.39 13.44
CA GLU A 11 3.21 -10.36 14.47
C GLU A 11 1.73 -10.00 14.62
N ARG A 12 1.25 -9.93 15.87
CA ARG A 12 -0.14 -9.56 16.10
C ARG A 12 -0.36 -8.11 15.65
N ALA A 13 -1.47 -7.91 14.92
CA ALA A 13 -1.82 -6.60 14.40
C ALA A 13 -3.13 -6.06 14.94
N GLY A 14 -3.95 -6.88 15.59
CA GLY A 14 -5.15 -6.39 16.23
C GLY A 14 -6.16 -7.47 16.54
N ASP A 15 -7.26 -7.02 17.16
CA ASP A 15 -8.42 -7.85 17.47
C ASP A 15 -9.27 -7.99 16.22
N ILE A 16 -10.05 -9.06 16.16
CA ILE A 16 -11.02 -9.18 15.08
C ILE A 16 -12.33 -8.59 15.59
N THR A 17 -12.66 -7.41 15.08
N THR A 17 -12.65 -7.39 15.12
CA THR A 17 -13.82 -6.67 15.56
CA THR A 17 -13.85 -6.71 15.57
C THR A 17 -14.39 -5.83 14.43
C THR A 17 -14.39 -5.85 14.45
N TRP A 18 -15.71 -5.69 14.45
CA TRP A 18 -16.39 -4.70 13.65
C TRP A 18 -16.21 -3.34 14.30
N GLU A 19 -15.94 -2.33 13.48
CA GLU A 19 -15.88 -0.92 13.89
C GLU A 19 -17.11 -0.19 13.36
N LYS A 20 -17.78 0.57 14.23
CA LYS A 20 -18.96 1.32 13.82
C LYS A 20 -18.62 2.49 12.89
N ASP A 21 -17.42 3.07 13.05
CA ASP A 21 -17.03 4.28 12.33
C ASP A 21 -16.07 3.98 11.18
N ALA A 22 -16.29 2.92 10.43
CA ALA A 22 -15.37 2.56 9.35
C ALA A 22 -15.73 3.30 8.07
N GLU A 23 -14.69 3.58 7.29
CA GLU A 23 -14.83 4.04 5.91
C GLU A 23 -15.67 3.04 5.12
N VAL A 24 -16.57 3.55 4.28
CA VAL A 24 -17.43 2.73 3.44
C VAL A 24 -17.12 3.03 1.97
N THR A 25 -16.86 1.99 1.18
CA THR A 25 -16.49 2.24 -0.21
C THR A 25 -16.58 0.96 -1.05
N GLY A 26 -16.48 1.14 -2.35
CA GLY A 26 -16.43 0.03 -3.25
C GLY A 26 -17.80 -0.34 -3.79
N ASN A 27 -17.81 -0.87 -5.01
N ASN A 27 -17.78 -0.94 -4.99
CA ASN A 27 -19.07 -1.26 -5.63
CA ASN A 27 -18.98 -1.36 -5.71
C ASN A 27 -19.27 -2.77 -5.45
C ASN A 27 -19.36 -2.78 -5.31
N SER A 28 -20.34 -3.28 -6.05
N SER A 28 -20.34 -3.35 -6.03
CA SER A 28 -20.79 -4.66 -5.82
CA SER A 28 -20.81 -4.71 -5.81
C SER A 28 -21.09 -5.34 -7.15
C SER A 28 -21.10 -5.38 -7.15
N PRO A 29 -20.07 -5.62 -7.95
CA PRO A 29 -20.29 -6.21 -9.26
C PRO A 29 -20.75 -7.65 -9.19
N ARG A 30 -21.59 -8.02 -10.15
CA ARG A 30 -21.99 -9.41 -10.37
C ARG A 30 -21.25 -9.93 -11.59
N LEU A 31 -20.43 -10.95 -11.38
CA LEU A 31 -19.51 -11.45 -12.38
C LEU A 31 -19.75 -12.95 -12.54
N ASP A 32 -19.76 -13.40 -13.78
CA ASP A 32 -19.59 -14.82 -14.10
C ASP A 32 -18.10 -15.18 -14.07
N VAL A 33 -17.73 -16.16 -13.25
CA VAL A 33 -16.35 -16.60 -13.21
C VAL A 33 -16.31 -18.12 -13.18
N ALA A 34 -15.11 -18.65 -13.49
CA ALA A 34 -14.79 -20.06 -13.33
C ALA A 34 -13.52 -20.19 -12.52
N LEU A 35 -13.42 -21.30 -11.77
CA LEU A 35 -12.32 -21.54 -10.86
C LEU A 35 -11.63 -22.81 -11.33
N ASP A 36 -10.33 -22.71 -11.61
CA ASP A 36 -9.63 -23.84 -12.21
C ASP A 36 -8.90 -24.60 -11.11
N GLU A 37 -8.19 -25.64 -11.54
CA GLU A 37 -7.58 -26.55 -10.58
C GLU A 37 -6.49 -25.86 -9.78
N SER A 38 -5.88 -24.82 -10.34
CA SER A 38 -4.80 -24.12 -9.69
C SER A 38 -5.29 -23.02 -8.76
N GLY A 39 -6.59 -22.91 -8.57
CA GLY A 39 -7.15 -21.95 -7.66
C GLY A 39 -7.30 -20.57 -8.27
N ASP A 40 -7.17 -20.48 -9.60
CA ASP A 40 -7.26 -19.20 -10.30
C ASP A 40 -8.68 -18.99 -10.80
N PHE A 41 -9.26 -17.88 -10.41
CA PHE A 41 -10.50 -17.37 -11.00
C PHE A 41 -10.23 -16.69 -12.33
N SER A 42 -11.10 -16.94 -13.30
CA SER A 42 -11.10 -16.19 -14.55
C SER A 42 -12.54 -15.86 -14.93
N LEU A 43 -12.68 -14.79 -15.70
CA LEU A 43 -14.01 -14.40 -16.15
C LEU A 43 -14.55 -15.41 -17.15
N VAL A 44 -15.87 -15.50 -17.19
CA VAL A 44 -16.57 -16.32 -18.17
C VAL A 44 -17.66 -15.50 -18.81
N GLU A 45 -17.90 -15.76 -20.10
CA GLU A 45 -19.02 -15.15 -20.82
C GLU A 45 -19.97 -16.22 -21.37
N THR B 17 -0.16 -17.32 19.70
CA THR B 17 -1.30 -18.21 19.94
C THR B 17 -2.58 -17.41 20.30
N THR B 18 -2.40 -16.16 20.66
CA THR B 18 -3.51 -15.28 21.01
C THR B 18 -4.41 -15.00 19.81
N ASP B 19 -5.72 -15.02 20.05
CA ASP B 19 -6.70 -14.70 19.01
C ASP B 19 -6.44 -13.31 18.42
N GLY B 20 -6.49 -13.22 17.10
CA GLY B 20 -6.47 -11.92 16.46
C GLY B 20 -6.00 -12.00 15.02
N VAL B 21 -5.85 -10.84 14.42
CA VAL B 21 -5.36 -10.74 13.05
C VAL B 21 -3.86 -10.46 13.10
N TYR B 22 -3.11 -11.12 12.21
CA TYR B 22 -1.64 -11.09 12.26
C TYR B 22 -1.06 -10.77 10.90
N ARG B 23 0.04 -10.01 10.88
CA ARG B 23 0.88 -9.87 9.71
C ARG B 23 1.73 -11.13 9.54
N VAL B 24 1.89 -11.54 8.28
CA VAL B 24 2.85 -12.59 7.90
C VAL B 24 4.04 -11.90 7.24
N MET B 25 5.20 -12.06 7.85
CA MET B 25 6.42 -11.31 7.51
C MET B 25 7.47 -12.29 6.99
N THR B 26 8.48 -11.76 6.30
CA THR B 26 9.53 -12.61 5.77
C THR B 26 10.85 -11.86 5.75
N ARG B 27 11.94 -12.60 5.91
CA ARG B 27 13.30 -12.07 5.82
C ARG B 27 14.12 -12.83 4.78
N GLY B 31 16.41 -7.32 4.84
CA GLY B 31 15.35 -6.58 5.50
C GLY B 31 14.11 -7.45 5.66
N SER B 32 13.05 -6.87 6.21
CA SER B 32 11.78 -7.56 6.37
C SER B 32 10.75 -6.97 5.43
N THR B 33 9.77 -7.80 5.10
CA THR B 33 8.72 -7.50 4.15
C THR B 33 7.48 -8.24 4.65
N GLN B 34 6.31 -7.64 4.47
CA GLN B 34 5.06 -8.26 4.79
C GLN B 34 4.56 -8.94 3.53
N VAL B 35 4.34 -10.25 3.60
CA VAL B 35 3.84 -10.98 2.44
C VAL B 35 2.37 -11.30 2.54
N GLY B 36 1.79 -11.17 3.73
CA GLY B 36 0.36 -11.38 3.88
C GLY B 36 -0.11 -11.19 5.30
N VAL B 37 -1.26 -11.78 5.58
CA VAL B 37 -2.04 -11.56 6.78
C VAL B 37 -2.72 -12.88 7.10
N GLY B 38 -3.05 -13.07 8.36
CA GLY B 38 -3.85 -14.22 8.70
C GLY B 38 -4.58 -14.05 10.01
N VAL B 39 -5.40 -15.06 10.33
CA VAL B 39 -6.33 -15.01 11.44
C VAL B 39 -5.98 -16.15 12.39
N MET B 40 -5.78 -15.80 13.66
CA MET B 40 -5.62 -16.77 14.73
C MET B 40 -6.97 -16.91 15.42
N GLN B 41 -7.50 -18.13 15.45
CA GLN B 41 -8.77 -18.38 16.13
C GLN B 41 -8.75 -19.82 16.60
N GLU B 42 -9.13 -19.99 17.86
CA GLU B 42 -9.23 -21.30 18.48
C GLU B 42 -7.92 -22.08 18.35
N GLY B 43 -6.80 -21.39 18.50
CA GLY B 43 -5.51 -22.04 18.46
C GLY B 43 -5.03 -22.42 17.09
N VAL B 44 -5.70 -22.00 16.01
CA VAL B 44 -5.33 -22.32 14.65
C VAL B 44 -5.09 -21.03 13.91
N PHE B 45 -4.00 -21.00 13.14
CA PHE B 45 -3.71 -19.86 12.27
C PHE B 45 -4.16 -20.13 10.85
N HIS B 46 -4.95 -19.20 10.32
CA HIS B 46 -5.60 -19.32 9.04
C HIS B 46 -5.07 -18.27 8.08
N THR B 47 -4.61 -18.70 6.91
CA THR B 47 -4.17 -17.74 5.89
C THR B 47 -4.37 -18.34 4.50
N MET B 48 -3.96 -17.59 3.46
CA MET B 48 -4.08 -18.08 2.09
C MET B 48 -2.83 -18.83 1.69
N TRP B 49 -3.03 -19.92 0.97
CA TRP B 49 -1.90 -20.74 0.53
C TRP B 49 -0.86 -19.91 -0.20
N HIS B 50 -1.29 -19.04 -1.11
CA HIS B 50 -0.31 -18.27 -1.90
C HIS B 50 0.54 -17.35 -1.03
N VAL B 51 0.13 -17.09 0.22
CA VAL B 51 0.91 -16.21 1.07
C VAL B 51 2.14 -16.94 1.60
N THR B 52 1.96 -18.17 2.06
CA THR B 52 3.06 -18.90 2.68
C THR B 52 3.55 -20.12 1.89
N LYS B 53 2.78 -20.59 0.91
CA LYS B 53 3.05 -21.88 0.27
C LYS B 53 3.31 -22.96 1.33
N GLY B 54 2.65 -22.86 2.48
CA GLY B 54 2.77 -23.89 3.47
C GLY B 54 4.06 -23.89 4.26
N ALA B 55 4.88 -22.86 4.12
CA ALA B 55 6.08 -22.78 4.91
C ALA B 55 5.76 -22.74 6.40
N ALA B 56 6.65 -23.28 7.21
CA ALA B 56 6.51 -23.12 8.65
C ALA B 56 6.59 -21.64 9.03
N LEU B 57 5.94 -21.29 10.16
CA LEU B 57 5.85 -19.92 10.63
C LEU B 57 6.41 -19.81 12.04
N ARG B 58 7.22 -18.79 12.27
CA ARG B 58 7.73 -18.51 13.58
C ARG B 58 6.74 -17.58 14.27
N SER B 59 6.48 -17.87 15.54
CA SER B 59 5.64 -17.03 16.39
C SER B 59 6.33 -16.95 17.74
N GLY B 60 7.10 -15.89 17.93
CA GLY B 60 7.86 -15.76 19.16
C GLY B 60 8.98 -16.77 19.12
N GLU B 61 9.06 -17.60 20.15
CA GLU B 61 10.01 -18.72 20.16
C GLU B 61 9.38 -20.01 19.65
N GLY B 62 8.07 -20.03 19.40
CA GLY B 62 7.44 -21.24 18.90
C GLY B 62 7.45 -21.32 17.38
N ARG B 63 7.11 -22.49 16.87
CA ARG B 63 6.99 -22.69 15.43
C ARG B 63 5.61 -23.24 15.13
N LEU B 64 4.98 -22.72 14.08
CA LEU B 64 3.67 -23.18 13.64
C LEU B 64 3.85 -23.98 12.37
N ASP B 65 3.34 -25.21 12.37
CA ASP B 65 3.44 -26.10 11.22
C ASP B 65 2.10 -26.23 10.51
N PRO B 66 2.12 -26.32 9.18
CA PRO B 66 0.88 -26.53 8.43
C PRO B 66 0.19 -27.82 8.86
N TYR B 67 -1.11 -27.76 8.89
CA TYR B 67 -1.96 -28.88 9.28
C TYR B 67 -2.90 -29.32 8.18
N TRP B 68 -3.40 -28.38 7.37
CA TRP B 68 -4.29 -28.64 6.27
C TRP B 68 -4.10 -27.55 5.23
N GLY B 69 -4.25 -27.92 3.96
CA GLY B 69 -4.15 -26.93 2.91
C GLY B 69 -4.73 -27.45 1.62
N ASP B 70 -5.10 -26.49 0.74
CA ASP B 70 -5.76 -26.81 -0.52
C ASP B 70 -5.48 -25.69 -1.52
N VAL B 71 -4.76 -26.04 -2.59
CA VAL B 71 -4.40 -25.05 -3.60
C VAL B 71 -5.65 -24.52 -4.29
N LYS B 72 -6.65 -25.37 -4.55
CA LYS B 72 -7.81 -24.84 -5.29
C LYS B 72 -8.55 -23.81 -4.47
N GLN B 73 -8.73 -24.04 -3.19
CA GLN B 73 -9.37 -23.05 -2.37
C GLN B 73 -8.43 -21.91 -2.04
N ASP B 74 -7.14 -22.13 -2.26
CA ASP B 74 -6.10 -21.16 -1.89
C ASP B 74 -6.11 -20.88 -0.40
N LEU B 75 -6.16 -21.94 0.40
CA LEU B 75 -6.17 -21.80 1.85
C LEU B 75 -5.23 -22.79 2.53
N VAL B 76 -4.79 -22.38 3.72
CA VAL B 76 -3.95 -23.22 4.60
C VAL B 76 -4.28 -22.91 6.05
N SER B 77 -4.25 -23.94 6.92
CA SER B 77 -4.34 -23.78 8.36
C SER B 77 -3.11 -24.39 9.01
N TYR B 78 -2.74 -23.83 10.14
CA TYR B 78 -1.60 -24.21 10.94
C TYR B 78 -2.07 -24.59 12.33
N CYS B 79 -1.51 -25.67 12.86
CA CYS B 79 -1.70 -26.14 14.24
C CYS B 79 -2.98 -26.92 14.41
N GLY B 80 -3.87 -26.91 13.45
CA GLY B 80 -5.14 -27.61 13.56
C GLY B 80 -6.01 -27.40 12.35
N PRO B 81 -7.20 -27.99 12.36
CA PRO B 81 -8.09 -27.89 11.21
C PRO B 81 -8.69 -26.50 11.12
N TRP B 82 -9.07 -26.15 9.90
CA TRP B 82 -9.72 -24.87 9.63
C TRP B 82 -10.95 -24.69 10.52
N LYS B 83 -10.98 -23.56 11.23
CA LYS B 83 -12.00 -23.29 12.23
C LYS B 83 -13.07 -22.29 11.82
N LEU B 84 -12.83 -21.50 10.80
CA LEU B 84 -13.76 -20.43 10.43
C LEU B 84 -14.88 -20.97 9.54
N ASP B 85 -16.14 -20.76 9.95
CA ASP B 85 -17.23 -21.32 9.17
C ASP B 85 -18.39 -20.36 8.89
N ALA B 86 -18.34 -19.13 9.39
CA ALA B 86 -19.42 -18.18 9.06
C ALA B 86 -19.38 -17.83 7.58
N ALA B 87 -20.54 -17.38 7.07
CA ALA B 87 -20.72 -17.14 5.66
C ALA B 87 -21.45 -15.82 5.44
N TRP B 88 -21.13 -15.13 4.34
CA TRP B 88 -21.89 -13.96 3.95
C TRP B 88 -23.36 -14.30 3.80
N ASP B 89 -24.21 -13.41 4.29
CA ASP B 89 -25.65 -13.65 4.25
C ASP B 89 -26.26 -13.26 2.91
N GLY B 90 -25.48 -12.69 1.99
CA GLY B 90 -25.99 -12.35 0.70
C GLY B 90 -26.73 -11.03 0.61
N LEU B 91 -26.96 -10.34 1.74
CA LEU B 91 -27.70 -9.09 1.68
C LEU B 91 -27.00 -7.92 2.38
N SER B 92 -26.29 -8.20 3.47
CA SER B 92 -25.73 -7.19 4.35
C SER B 92 -24.34 -6.73 3.94
N GLU B 93 -24.02 -5.52 4.36
CA GLU B 93 -22.66 -5.03 4.24
C GLU B 93 -21.75 -5.81 5.17
N VAL B 94 -20.49 -5.90 4.75
CA VAL B 94 -19.43 -6.60 5.49
C VAL B 94 -18.31 -5.60 5.74
N GLN B 95 -17.33 -6.01 6.54
CA GLN B 95 -16.13 -5.19 6.69
C GLN B 95 -14.90 -6.01 6.39
N LEU B 96 -14.02 -5.45 5.55
CA LEU B 96 -12.66 -5.95 5.35
C LEU B 96 -11.79 -5.38 6.46
N LEU B 97 -11.17 -6.26 7.24
CA LEU B 97 -10.25 -5.85 8.29
C LEU B 97 -8.88 -5.91 7.63
N ALA B 98 -8.58 -4.84 6.91
CA ALA B 98 -7.37 -4.76 6.11
C ALA B 98 -6.18 -4.52 7.01
N VAL B 99 -5.10 -5.23 6.78
CA VAL B 99 -3.85 -4.97 7.49
C VAL B 99 -2.76 -4.73 6.45
N PRO B 100 -2.73 -3.52 5.85
CA PRO B 100 -1.76 -3.28 4.78
C PRO B 100 -0.38 -3.22 5.37
N PRO B 101 0.67 -3.49 4.57
CA PRO B 101 2.03 -3.32 5.07
C PRO B 101 2.25 -1.87 5.54
N GLY B 102 2.92 -1.72 6.69
CA GLY B 102 3.27 -0.40 7.20
C GLY B 102 2.12 0.39 7.79
N GLU B 103 0.93 -0.22 7.93
CA GLU B 103 -0.26 0.51 8.33
C GLU B 103 -1.03 -0.23 9.39
N ARG B 104 -1.63 0.54 10.28
CA ARG B 104 -2.43 0.01 11.36
C ARG B 104 -3.65 -0.74 10.81
N ALA B 105 -4.09 -1.78 11.53
CA ALA B 105 -5.28 -2.50 11.08
C ALA B 105 -6.44 -1.53 10.94
N LYS B 106 -7.20 -1.69 9.86
CA LYS B 106 -8.28 -0.76 9.54
C LYS B 106 -9.47 -1.47 8.92
N ASN B 107 -10.67 -0.99 9.22
CA ASN B 107 -11.89 -1.62 8.74
C ASN B 107 -12.43 -0.82 7.59
N ILE B 108 -12.74 -1.52 6.50
CA ILE B 108 -13.31 -0.95 5.30
C ILE B 108 -14.65 -1.64 5.08
N GLN B 109 -15.75 -0.91 5.18
CA GLN B 109 -17.07 -1.48 5.06
C GLN B 109 -17.51 -1.44 3.60
N THR B 110 -18.21 -2.49 3.16
CA THR B 110 -18.62 -2.56 1.76
C THR B 110 -19.80 -3.52 1.61
N LEU B 111 -20.55 -3.37 0.50
CA LEU B 111 -21.56 -4.36 0.11
C LEU B 111 -20.89 -5.27 -0.90
N PRO B 112 -20.70 -6.55 -0.62
CA PRO B 112 -20.12 -7.44 -1.62
C PRO B 112 -20.99 -7.52 -2.88
N GLY B 113 -20.32 -7.70 -4.01
CA GLY B 113 -20.93 -8.22 -5.21
C GLY B 113 -20.85 -9.73 -5.17
N ILE B 114 -20.98 -10.36 -6.34
CA ILE B 114 -21.13 -11.81 -6.42
C ILE B 114 -20.23 -12.40 -7.51
N PHE B 115 -19.53 -13.49 -7.20
CA PHE B 115 -18.99 -14.39 -8.23
C PHE B 115 -20.04 -15.47 -8.49
N LYS B 116 -20.60 -15.50 -9.70
CA LYS B 116 -21.53 -16.56 -10.10
C LYS B 116 -20.71 -17.67 -10.73
N THR B 117 -20.73 -18.86 -10.14
CA THR B 117 -20.00 -19.99 -10.72
C THR B 117 -20.95 -21.15 -10.92
N LYS B 118 -20.46 -22.13 -11.70
CA LYS B 118 -21.25 -23.33 -11.97
C LYS B 118 -21.58 -24.09 -10.70
N ASP B 119 -20.81 -23.88 -9.64
CA ASP B 119 -21.02 -24.58 -8.39
C ASP B 119 -21.77 -23.74 -7.35
N GLY B 120 -22.20 -22.54 -7.71
CA GLY B 120 -22.89 -21.66 -6.80
C GLY B 120 -22.25 -20.29 -6.76
N ASP B 121 -22.83 -19.43 -5.93
CA ASP B 121 -22.41 -18.03 -5.83
C ASP B 121 -21.46 -17.86 -4.64
N ILE B 122 -20.55 -16.91 -4.76
CA ILE B 122 -19.59 -16.56 -3.75
C ILE B 122 -19.59 -15.04 -3.65
N GLY B 123 -19.60 -14.54 -2.41
CA GLY B 123 -19.42 -13.11 -2.20
C GLY B 123 -18.08 -12.65 -2.70
N ALA B 124 -18.03 -11.42 -3.16
CA ALA B 124 -16.78 -10.85 -3.67
C ALA B 124 -16.73 -9.37 -3.33
N VAL B 125 -15.56 -8.85 -2.95
CA VAL B 125 -15.43 -7.45 -2.57
C VAL B 125 -14.54 -6.72 -3.56
N ALA B 126 -15.06 -5.59 -4.04
CA ALA B 126 -14.42 -4.80 -5.09
C ALA B 126 -13.54 -3.76 -4.44
N LEU B 127 -12.53 -4.28 -3.75
CA LEU B 127 -11.56 -3.51 -2.99
C LEU B 127 -10.17 -3.95 -3.40
N ASP B 128 -9.26 -2.97 -3.52
CA ASP B 128 -7.96 -3.18 -4.14
C ASP B 128 -6.90 -2.61 -3.22
N TYR B 129 -6.38 -3.43 -2.30
CA TYR B 129 -5.29 -3.09 -1.36
C TYR B 129 -3.96 -3.75 -1.75
N PRO B 130 -2.84 -3.29 -1.17
CA PRO B 130 -1.53 -3.86 -1.57
C PRO B 130 -1.45 -5.38 -1.37
N ALA B 131 -0.57 -6.03 -2.16
CA ALA B 131 -0.58 -7.51 -2.16
C ALA B 131 -0.30 -8.10 -0.79
N GLY B 132 0.47 -7.41 0.04
CA GLY B 132 0.76 -7.92 1.37
C GLY B 132 -0.40 -7.93 2.30
N THR B 133 -1.58 -7.46 1.84
CA THR B 133 -2.84 -7.52 2.55
C THR B 133 -3.55 -8.85 2.35
N SER B 134 -3.07 -9.70 1.45
CA SER B 134 -3.70 -10.99 1.22
C SER B 134 -3.76 -11.79 2.51
N GLY B 135 -4.93 -12.37 2.78
CA GLY B 135 -5.19 -13.09 4.00
C GLY B 135 -5.95 -12.27 5.03
N SER B 136 -6.19 -10.99 4.75
CA SER B 136 -6.94 -10.16 5.69
C SER B 136 -8.35 -10.71 5.80
N PRO B 137 -8.91 -10.73 7.01
CA PRO B 137 -10.25 -11.28 7.22
C PRO B 137 -11.34 -10.33 6.76
N ILE B 138 -12.43 -10.93 6.32
CA ILE B 138 -13.66 -10.20 6.00
C ILE B 138 -14.70 -10.61 7.05
N LEU B 139 -15.35 -9.61 7.64
CA LEU B 139 -16.22 -9.82 8.79
C LEU B 139 -17.69 -9.52 8.49
N ASP B 140 -18.57 -10.29 9.11
CA ASP B 140 -19.98 -9.89 9.18
C ASP B 140 -20.23 -8.99 10.39
N LYS B 141 -21.46 -8.48 10.49
CA LYS B 141 -21.78 -7.50 11.53
C LYS B 141 -21.57 -8.05 12.94
N SER B 142 -21.67 -9.36 13.14
CA SER B 142 -21.45 -9.93 14.47
C SER B 142 -19.98 -10.12 14.81
N GLY B 143 -19.07 -9.74 13.92
CA GLY B 143 -17.66 -9.90 14.14
C GLY B 143 -17.07 -11.22 13.70
N ARG B 144 -17.87 -12.11 13.13
CA ARG B 144 -17.37 -13.41 12.70
C ARG B 144 -16.64 -13.28 11.36
N VAL B 145 -15.61 -14.10 11.17
CA VAL B 145 -14.82 -14.10 9.93
C VAL B 145 -15.56 -14.93 8.88
N ILE B 146 -16.10 -14.26 7.85
CA ILE B 146 -16.83 -14.95 6.76
C ILE B 146 -15.92 -15.32 5.57
N GLY B 147 -14.65 -14.96 5.65
CA GLY B 147 -13.69 -15.42 4.66
C GLY B 147 -12.47 -14.53 4.70
N LEU B 148 -11.51 -14.86 3.81
CA LEU B 148 -10.24 -14.15 3.67
C LEU B 148 -10.11 -13.47 2.31
N TYR B 149 -9.41 -12.32 2.31
CA TYR B 149 -9.22 -11.46 1.13
C TYR B 149 -7.94 -11.80 0.40
N GLY B 150 -8.01 -11.78 -0.94
CA GLY B 150 -6.78 -11.85 -1.74
C GLY B 150 -6.70 -12.90 -2.82
N ASN B 151 -7.79 -13.64 -3.06
CA ASN B 151 -7.87 -14.46 -4.27
C ASN B 151 -9.02 -13.95 -5.11
N GLY B 152 -8.74 -13.51 -6.32
CA GLY B 152 -9.77 -12.88 -7.09
C GLY B 152 -9.53 -12.78 -8.59
N VAL B 153 -10.16 -11.78 -9.20
CA VAL B 153 -10.11 -11.57 -10.64
C VAL B 153 -10.05 -10.07 -10.90
N VAL B 154 -9.66 -9.73 -12.13
CA VAL B 154 -9.59 -8.36 -12.62
C VAL B 154 -10.67 -8.14 -13.68
N ILE B 155 -11.34 -6.99 -13.59
CA ILE B 155 -12.32 -6.58 -14.57
C ILE B 155 -11.92 -5.30 -15.32
N GLY B 158 -8.36 -1.12 -14.65
CA GLY B 158 -8.86 -2.46 -14.39
C GLY B 158 -8.87 -2.83 -12.92
N SER B 159 -10.06 -2.92 -12.32
CA SER B 159 -10.16 -3.07 -10.87
C SER B 159 -10.09 -4.54 -10.46
N TYR B 160 -9.35 -4.79 -9.41
CA TYR B 160 -9.34 -6.11 -8.79
C TYR B 160 -10.62 -6.32 -7.97
N VAL B 161 -11.12 -7.55 -7.97
CA VAL B 161 -12.23 -7.97 -7.13
C VAL B 161 -11.86 -9.28 -6.46
N SER B 162 -11.95 -9.33 -5.15
CA SER B 162 -11.53 -10.48 -4.38
C SER B 162 -12.73 -11.32 -4.00
N ALA B 163 -12.62 -12.61 -4.26
CA ALA B 163 -13.56 -13.52 -3.64
C ALA B 163 -13.51 -13.35 -2.12
N ILE B 164 -14.64 -13.61 -1.47
CA ILE B 164 -14.68 -13.87 -0.02
C ILE B 164 -14.44 -15.37 0.17
N THR B 165 -13.18 -15.75 0.42
CA THR B 165 -12.78 -17.14 0.37
C THR B 165 -12.92 -17.72 1.77
N GLN B 166 -13.82 -18.69 1.93
CA GLN B 166 -14.06 -19.36 3.21
C GLN B 166 -13.80 -20.87 3.08
N GLY B 167 -13.34 -21.47 4.17
CA GLY B 167 -13.01 -22.88 4.22
C GLY B 167 -14.18 -23.69 4.77
N LYS B 168 -13.88 -24.94 5.09
CA LYS B 168 -14.85 -25.87 5.64
C LYS B 168 -14.40 -26.32 7.03
N ARG B 169 -15.31 -26.21 7.99
CA ARG B 169 -15.09 -26.70 9.33
C ARG B 169 -15.89 -27.99 9.54
N VAL C 6 14.75 21.27 15.18
CA VAL C 6 13.55 21.32 16.03
C VAL C 6 13.07 19.89 16.36
N ASP C 7 11.92 19.49 15.82
CA ASP C 7 11.28 18.21 16.12
C ASP C 7 11.51 17.13 15.07
N MET C 8 12.23 17.41 13.98
CA MET C 8 12.34 16.47 12.86
C MET C 8 13.81 16.34 12.46
N TYR C 9 14.18 15.18 11.94
CA TYR C 9 15.54 14.98 11.45
C TYR C 9 15.47 14.03 10.26
N ILE C 10 16.56 13.99 9.51
CA ILE C 10 16.65 13.20 8.28
C ILE C 10 17.77 12.18 8.48
N GLU C 11 17.56 10.97 7.95
CA GLU C 11 18.58 9.94 7.96
C GLU C 11 18.60 9.25 6.62
N ARG C 12 19.82 8.91 6.19
CA ARG C 12 20.01 8.39 4.84
C ARG C 12 19.28 7.06 4.69
N ALA C 13 18.61 6.90 3.55
CA ALA C 13 17.95 5.68 3.12
C ALA C 13 18.57 5.04 1.88
N GLY C 14 19.38 5.75 1.12
CA GLY C 14 20.04 5.10 0.00
C GLY C 14 20.46 6.10 -1.05
N ASP C 15 21.11 5.58 -2.10
CA ASP C 15 21.45 6.32 -3.30
C ASP C 15 20.22 6.34 -4.21
N ILE C 16 20.18 7.30 -5.14
CA ILE C 16 19.11 7.39 -6.13
C ILE C 16 19.62 6.84 -7.46
N THR C 17 19.13 5.66 -7.82
CA THR C 17 19.52 5.02 -9.07
C THR C 17 18.34 4.23 -9.61
N TRP C 18 18.29 4.14 -10.93
CA TRP C 18 17.41 3.20 -11.61
C TRP C 18 17.95 1.79 -11.40
N GLU C 19 17.04 0.83 -11.22
CA GLU C 19 17.44 -0.56 -10.99
C GLU C 19 16.94 -1.37 -12.18
N LYS C 20 17.86 -2.00 -12.90
CA LYS C 20 17.50 -2.67 -14.16
C LYS C 20 16.51 -3.81 -13.95
N ASP C 21 16.59 -4.51 -12.85
CA ASP C 21 15.78 -5.72 -12.69
C ASP C 21 14.58 -5.49 -11.77
N ALA C 22 13.93 -4.33 -11.87
CA ALA C 22 12.85 -3.98 -10.96
C ALA C 22 11.52 -4.55 -11.44
N GLU C 23 10.69 -4.95 -10.47
CA GLU C 23 9.33 -5.39 -10.74
C GLU C 23 8.56 -4.27 -11.42
N VAL C 24 7.81 -4.63 -12.45
CA VAL C 24 6.83 -3.72 -13.06
C VAL C 24 5.48 -4.03 -12.43
N THR C 25 4.73 -2.99 -12.08
CA THR C 25 3.37 -3.19 -11.58
C THR C 25 2.58 -1.90 -11.66
N GLY C 26 1.29 -2.02 -11.46
CA GLY C 26 0.44 -0.84 -11.48
C GLY C 26 -0.20 -0.62 -12.83
N ASN C 27 -1.42 -0.06 -12.82
CA ASN C 27 -2.11 0.29 -14.06
C ASN C 27 -1.76 1.74 -14.41
N SER C 28 -2.40 2.30 -15.44
CA SER C 28 -2.04 3.61 -15.99
C SER C 28 -3.32 4.42 -16.16
N PRO C 29 -3.98 4.77 -15.07
CA PRO C 29 -5.34 5.31 -15.18
C PRO C 29 -5.34 6.74 -15.69
N ARG C 30 -6.42 7.12 -16.31
CA ARG C 30 -6.64 8.48 -16.80
C ARG C 30 -7.79 9.04 -15.96
N LEU C 31 -7.46 9.89 -15.00
CA LEU C 31 -8.39 10.36 -13.98
C LEU C 31 -8.62 11.85 -14.14
N ASP C 32 -9.88 12.26 -14.15
CA ASP C 32 -10.24 13.66 -14.07
C ASP C 32 -10.15 14.13 -12.61
N VAL C 33 -9.24 15.07 -12.32
CA VAL C 33 -9.09 15.56 -10.95
C VAL C 33 -9.11 17.08 -10.87
N ALA C 34 -9.36 17.56 -9.67
CA ALA C 34 -9.28 18.99 -9.34
C ALA C 34 -8.27 19.19 -8.21
N LEU C 35 -7.52 20.29 -8.28
CA LEU C 35 -6.51 20.66 -7.28
C LEU C 35 -6.99 21.91 -6.58
N ASP C 36 -7.28 21.81 -5.29
CA ASP C 36 -7.82 22.97 -4.58
C ASP C 36 -6.70 23.84 -4.05
N GLU C 37 -7.07 25.03 -3.53
CA GLU C 37 -6.06 26.02 -3.17
C GLU C 37 -5.18 25.55 -2.02
N SER C 38 -5.60 24.52 -1.28
CA SER C 38 -4.80 23.87 -0.25
C SER C 38 -3.84 22.81 -0.80
N GLY C 39 -3.82 22.56 -2.10
CA GLY C 39 -2.93 21.55 -2.65
C GLY C 39 -3.48 20.14 -2.57
N ASP C 40 -4.78 19.98 -2.39
CA ASP C 40 -5.39 18.67 -2.32
C ASP C 40 -6.04 18.33 -3.65
N PHE C 41 -5.80 17.09 -4.10
CA PHE C 41 -6.44 16.55 -5.30
C PHE C 41 -7.76 15.89 -4.91
N SER C 42 -8.76 16.05 -5.76
CA SER C 42 -10.03 15.32 -5.61
C SER C 42 -10.46 14.80 -6.96
N LEU C 43 -11.30 13.77 -6.96
CA LEU C 43 -11.86 13.27 -8.20
C LEU C 43 -13.04 14.14 -8.61
N VAL C 44 -13.17 14.36 -9.89
CA VAL C 44 -14.28 15.21 -10.36
C VAL C 44 -15.55 14.36 -10.49
N GLU C 45 -16.69 14.91 -10.07
CA GLU C 45 -17.98 14.22 -10.20
C GLU C 45 -18.57 14.45 -11.60
N LYS D 13 36.33 16.00 1.83
CA LYS D 13 36.80 16.77 0.67
C LYS D 13 35.88 17.95 0.35
N LYS D 14 36.48 19.05 -0.09
CA LYS D 14 35.71 20.23 -0.44
C LYS D 14 34.83 19.96 -1.66
N GLY D 15 33.52 20.22 -1.49
CA GLY D 15 32.51 19.99 -2.51
C GLY D 15 31.77 18.67 -2.39
N GLU D 16 32.16 17.80 -1.48
CA GLU D 16 31.56 16.47 -1.41
C GLU D 16 30.23 16.54 -0.64
N THR D 17 29.14 16.79 -1.38
CA THR D 17 27.82 16.89 -0.79
C THR D 17 27.16 15.52 -0.70
N THR D 18 26.10 15.45 0.11
CA THR D 18 25.55 14.19 0.61
C THR D 18 24.31 13.73 -0.16
N ASP D 19 24.42 13.64 -1.49
CA ASP D 19 23.28 13.30 -2.33
C ASP D 19 22.67 11.98 -1.89
N GLY D 20 21.37 11.83 -2.10
CA GLY D 20 20.71 10.58 -1.82
C GLY D 20 19.27 10.80 -1.37
N VAL D 21 18.61 9.71 -1.06
CA VAL D 21 17.25 9.73 -0.57
C VAL D 21 17.30 9.52 0.93
N TYR D 22 16.46 10.26 1.65
CA TYR D 22 16.49 10.36 3.10
C TYR D 22 15.09 10.16 3.67
N ARG D 23 15.03 9.54 4.84
CA ARG D 23 13.80 9.47 5.63
C ARG D 23 13.67 10.72 6.50
N VAL D 24 12.46 11.24 6.60
CA VAL D 24 12.12 12.32 7.51
C VAL D 24 11.48 11.71 8.74
N MET D 25 12.12 11.90 9.90
CA MET D 25 11.77 11.22 11.13
C MET D 25 11.43 12.22 12.23
N THR D 26 10.53 11.81 13.13
CA THR D 26 10.29 12.57 14.34
C THR D 26 11.28 12.11 15.41
N ARG D 27 11.41 12.92 16.46
CA ARG D 27 12.30 12.51 17.54
C ARG D 27 11.53 11.63 18.54
N ARG D 28 12.28 10.90 19.35
CA ARG D 28 11.74 9.86 20.22
C ARG D 28 10.46 10.30 20.93
N LEU D 29 10.29 11.61 21.11
CA LEU D 29 9.11 12.14 21.81
C LEU D 29 7.81 11.74 21.13
N LEU D 30 7.82 11.60 19.81
CA LEU D 30 6.59 11.45 19.05
C LEU D 30 6.34 10.01 18.60
N GLY D 31 7.31 9.13 18.80
CA GLY D 31 7.17 7.75 18.38
C GLY D 31 8.37 7.31 17.58
N SER D 32 9.24 8.27 17.24
CA SER D 32 10.35 8.07 16.30
C SER D 32 9.79 7.59 14.96
N THR D 33 8.76 8.28 14.48
CA THR D 33 7.99 7.82 13.33
C THR D 33 8.56 8.46 12.07
N GLN D 34 8.61 7.67 11.00
CA GLN D 34 8.88 8.21 9.68
C GLN D 34 7.63 8.95 9.18
N VAL D 35 7.74 10.27 8.97
CA VAL D 35 6.61 11.05 8.47
C VAL D 35 6.75 11.33 6.98
N GLY D 36 7.93 11.11 6.40
CA GLY D 36 8.08 11.20 4.97
C GLY D 36 9.50 10.91 4.55
N VAL D 37 9.82 11.42 3.35
CA VAL D 37 11.02 11.08 2.62
C VAL D 37 11.39 12.34 1.86
N GLY D 38 12.66 12.45 1.46
CA GLY D 38 13.06 13.56 0.61
C GLY D 38 14.36 13.25 -0.12
N VAL D 39 14.70 14.15 -1.03
CA VAL D 39 15.81 13.97 -1.95
C VAL D 39 16.82 15.04 -1.61
N MET D 40 18.04 14.61 -1.33
CA MET D 40 19.19 15.50 -1.18
C MET D 40 19.92 15.50 -2.52
N GLN D 41 19.93 16.67 -3.17
CA GLN D 41 20.61 16.81 -4.46
C GLN D 41 21.20 18.20 -4.55
N GLU D 42 22.47 18.26 -4.92
CA GLU D 42 23.13 19.53 -5.14
C GLU D 42 23.02 20.42 -3.90
N GLY D 43 23.19 19.80 -2.73
CA GLY D 43 23.19 20.54 -1.47
C GLY D 43 21.85 21.04 -1.01
N VAL D 44 20.77 20.61 -1.65
CA VAL D 44 19.42 21.06 -1.35
C VAL D 44 18.58 19.86 -0.98
N PHE D 45 17.77 19.98 0.08
CA PHE D 45 16.81 18.93 0.44
C PHE D 45 15.43 19.25 -0.08
N HIS D 46 14.85 18.30 -0.79
CA HIS D 46 13.58 18.46 -1.50
C HIS D 46 12.57 17.51 -0.90
N THR D 47 11.48 18.02 -0.31
CA THR D 47 10.39 17.14 0.15
C THR D 47 9.05 17.76 -0.16
N MET D 48 7.96 17.10 0.28
CA MET D 48 6.61 17.62 0.11
C MET D 48 6.20 18.47 1.30
N TRP D 49 5.46 19.55 1.04
CA TRP D 49 5.15 20.47 2.13
CA TRP D 49 5.12 20.48 2.12
C TRP D 49 4.35 19.78 3.24
N HIS D 50 3.42 18.89 2.86
CA HIS D 50 2.60 18.26 3.92
C HIS D 50 3.40 17.37 4.86
N VAL D 51 4.64 17.01 4.51
CA VAL D 51 5.43 16.16 5.40
C VAL D 51 5.98 16.96 6.57
N THR D 52 6.58 18.13 6.29
CA THR D 52 7.26 18.90 7.33
C THR D 52 6.51 20.17 7.72
N LYS D 53 5.69 20.66 6.79
CA LYS D 53 5.00 21.91 6.96
C LYS D 53 5.98 23.06 7.06
N GLY D 54 7.14 22.91 6.41
CA GLY D 54 8.16 23.94 6.46
C GLY D 54 8.96 24.01 7.72
N ALA D 55 8.82 23.04 8.62
CA ALA D 55 9.58 23.04 9.86
C ALA D 55 11.05 22.75 9.61
N ALA D 56 11.91 23.36 10.43
CA ALA D 56 13.35 23.12 10.35
C ALA D 56 13.69 21.65 10.58
N LEU D 57 14.79 21.21 9.99
CA LEU D 57 15.18 19.80 10.03
C LEU D 57 16.57 19.68 10.62
N ARG D 58 16.81 18.62 11.38
CA ARG D 58 18.11 18.32 11.94
C ARG D 58 18.81 17.34 11.01
N SER D 59 20.05 17.66 10.62
CA SER D 59 20.87 16.81 9.77
C SER D 59 22.18 16.54 10.50
N GLY D 60 22.20 15.47 11.28
CA GLY D 60 23.30 15.25 12.19
C GLY D 60 23.27 16.33 13.24
N GLU D 61 24.27 17.22 13.22
CA GLU D 61 24.31 18.38 14.11
C GLU D 61 24.07 19.69 13.38
N GLY D 62 23.70 19.65 12.10
CA GLY D 62 23.44 20.84 11.31
C GLY D 62 21.95 21.02 11.06
N ARG D 63 21.49 22.26 11.13
CA ARG D 63 20.09 22.55 10.92
C ARG D 63 19.84 22.90 9.44
N LEU D 64 18.74 22.39 8.92
CA LEU D 64 18.27 22.72 7.57
C LEU D 64 17.05 23.62 7.67
N ASP D 65 17.14 24.77 7.03
CA ASP D 65 16.04 25.75 7.04
C ASP D 65 15.36 25.84 5.68
N PRO D 66 14.05 26.03 5.68
CA PRO D 66 13.35 26.12 4.40
C PRO D 66 13.84 27.32 3.62
N TYR D 67 13.86 27.17 2.31
CA TYR D 67 14.30 28.20 1.36
C TYR D 67 13.24 28.58 0.33
N TRP D 68 12.43 27.63 -0.10
CA TRP D 68 11.34 27.89 -1.02
C TRP D 68 10.23 26.91 -0.67
N GLY D 69 8.98 27.32 -0.85
CA GLY D 69 7.88 26.39 -0.66
C GLY D 69 6.62 26.92 -1.29
N ASP D 70 5.69 26.00 -1.58
CA ASP D 70 4.41 26.36 -2.18
C ASP D 70 3.37 25.32 -1.77
N VAL D 71 2.37 25.75 -1.00
CA VAL D 71 1.36 24.83 -0.46
C VAL D 71 0.57 24.19 -1.59
N LYS D 72 0.29 24.94 -2.64
CA LYS D 72 -0.56 24.41 -3.68
C LYS D 72 0.16 23.29 -4.43
N GLN D 73 1.44 23.53 -4.81
CA GLN D 73 2.30 22.51 -5.38
C GLN D 73 2.60 21.38 -4.39
N ASP D 74 2.45 21.66 -3.09
CA ASP D 74 2.80 20.76 -1.99
C ASP D 74 4.28 20.40 -2.01
N LEU D 75 5.16 21.40 -2.25
CA LEU D 75 6.60 21.19 -2.33
C LEU D 75 7.35 22.19 -1.46
N VAL D 76 8.49 21.74 -0.92
CA VAL D 76 9.38 22.63 -0.15
C VAL D 76 10.83 22.22 -0.43
N SER D 77 11.70 23.22 -0.45
CA SER D 77 13.12 22.95 -0.56
C SER D 77 13.80 23.58 0.66
N TYR D 78 14.90 22.98 1.04
CA TYR D 78 15.68 23.44 2.17
C TYR D 78 17.10 23.68 1.71
N CYS D 79 17.72 24.74 2.24
CA CYS D 79 19.11 25.13 2.02
C CYS D 79 19.34 25.80 0.69
N GLY D 80 18.40 25.78 -0.22
CA GLY D 80 18.60 26.40 -1.49
C GLY D 80 17.40 26.19 -2.36
N PRO D 81 17.45 26.72 -3.58
CA PRO D 81 16.30 26.62 -4.49
C PRO D 81 16.07 25.19 -4.94
N TRP D 82 14.85 24.95 -5.40
CA TRP D 82 14.47 23.66 -5.96
C TRP D 82 15.39 23.33 -7.13
N LYS D 83 15.96 22.13 -7.13
CA LYS D 83 16.98 21.76 -8.10
C LYS D 83 16.52 20.77 -9.15
N LEU D 84 15.38 20.13 -8.95
CA LEU D 84 15.00 18.99 -9.76
C LEU D 84 14.09 19.48 -10.88
N ASP D 85 14.50 19.25 -12.12
CA ASP D 85 13.67 19.76 -13.22
C ASP D 85 13.56 18.79 -14.39
N ALA D 86 13.96 17.54 -14.23
CA ALA D 86 13.61 16.54 -15.24
C ALA D 86 12.10 16.32 -15.25
N ALA D 87 11.59 15.97 -16.41
CA ALA D 87 10.16 15.77 -16.56
C ALA D 87 9.89 14.41 -17.14
N TRP D 88 8.78 13.81 -16.70
CA TRP D 88 8.29 12.60 -17.34
C TRP D 88 8.08 12.90 -18.83
N ASP D 89 8.59 12.02 -19.68
CA ASP D 89 8.52 12.27 -21.11
C ASP D 89 7.15 11.93 -21.68
N GLY D 90 6.22 11.48 -20.84
CA GLY D 90 4.86 11.17 -21.28
C GLY D 90 4.68 9.84 -21.99
N LEU D 91 5.71 9.02 -22.06
CA LEU D 91 5.72 7.88 -22.96
C LEU D 91 6.36 6.68 -22.27
N SER D 92 7.41 6.90 -21.48
CA SER D 92 8.23 5.81 -20.94
C SER D 92 7.82 5.40 -19.52
N GLU D 93 8.16 4.16 -19.20
CA GLU D 93 8.06 3.71 -17.81
C GLU D 93 9.04 4.49 -16.94
N VAL D 94 8.67 4.58 -15.67
CA VAL D 94 9.42 5.30 -14.65
C VAL D 94 9.59 4.32 -13.49
N GLN D 95 10.37 4.71 -12.48
CA GLN D 95 10.50 3.92 -11.25
C GLN D 95 10.29 4.81 -10.02
N LEU D 96 9.42 4.35 -9.13
CA LEU D 96 9.28 4.91 -7.81
C LEU D 96 10.34 4.30 -6.91
N LEU D 97 11.19 5.13 -6.33
CA LEU D 97 12.19 4.66 -5.37
C LEU D 97 11.50 4.77 -4.01
N ALA D 98 10.73 3.75 -3.70
CA ALA D 98 9.85 3.84 -2.57
C ALA D 98 10.68 3.64 -1.31
N VAL D 99 10.50 4.53 -0.33
CA VAL D 99 11.16 4.37 0.96
C VAL D 99 10.12 4.25 2.06
N PRO D 100 9.52 3.06 2.25
CA PRO D 100 8.40 2.94 3.19
C PRO D 100 8.89 2.94 4.63
N PRO D 101 8.10 3.45 5.56
CA PRO D 101 8.45 3.33 6.97
C PRO D 101 8.83 1.90 7.33
N GLY D 102 10.00 1.75 7.94
CA GLY D 102 10.41 0.47 8.47
C GLY D 102 10.90 -0.53 7.44
N GLU D 103 11.03 -0.14 6.18
CA GLU D 103 11.48 -1.03 5.13
C GLU D 103 12.60 -0.40 4.33
N ARG D 104 13.51 -1.25 3.87
CA ARG D 104 14.54 -0.86 2.93
C ARG D 104 13.95 -0.23 1.68
N ALA D 105 14.63 0.80 1.17
CA ALA D 105 14.24 1.41 -0.09
C ALA D 105 14.26 0.40 -1.23
N LYS D 106 13.22 0.45 -2.06
CA LYS D 106 13.12 -0.47 -3.18
C LYS D 106 12.54 0.25 -4.39
N ASN D 107 12.97 -0.20 -5.57
CA ASN D 107 12.50 0.40 -6.82
C ASN D 107 11.30 -0.37 -7.36
N ILE D 108 10.25 0.34 -7.71
CA ILE D 108 9.08 -0.23 -8.38
C ILE D 108 8.88 0.47 -9.70
N GLN D 109 8.82 -0.29 -10.80
CA GLN D 109 8.69 0.27 -12.13
C GLN D 109 7.23 0.25 -12.56
N THR D 110 6.81 1.27 -13.29
CA THR D 110 5.41 1.38 -13.68
C THR D 110 5.31 2.32 -14.86
N LEU D 111 4.21 2.18 -15.63
CA LEU D 111 3.85 3.19 -16.63
C LEU D 111 2.83 4.14 -16.03
N PRO D 112 3.14 5.41 -15.89
CA PRO D 112 2.19 6.34 -15.29
C PRO D 112 0.92 6.44 -16.12
N GLY D 113 -0.17 6.67 -15.42
CA GLY D 113 -1.38 7.21 -16.01
C GLY D 113 -1.31 8.71 -15.95
N ILE D 114 -2.48 9.35 -15.99
CA ILE D 114 -2.58 10.80 -16.16
C ILE D 114 -3.63 11.34 -15.20
N PHE D 115 -3.28 12.40 -14.47
CA PHE D 115 -4.24 13.32 -13.86
C PHE D 115 -4.61 14.37 -14.91
N LYS D 116 -5.88 14.42 -15.33
CA LYS D 116 -6.33 15.44 -16.26
C LYS D 116 -7.01 16.55 -15.44
N THR D 117 -6.48 17.77 -15.53
CA THR D 117 -7.04 18.92 -14.83
C THR D 117 -7.40 20.01 -15.82
N LYS D 118 -8.14 21.01 -15.33
CA LYS D 118 -8.52 22.13 -16.18
C LYS D 118 -7.30 22.92 -16.65
N ASP D 119 -6.14 22.71 -16.00
CA ASP D 119 -4.93 23.46 -16.29
C ASP D 119 -3.87 22.62 -16.98
N GLY D 120 -4.20 21.42 -17.43
CA GLY D 120 -3.25 20.56 -18.13
C GLY D 120 -3.18 19.19 -17.50
N ASP D 121 -2.32 18.36 -18.09
CA ASP D 121 -2.17 16.97 -17.67
C ASP D 121 -0.89 16.82 -16.85
N ILE D 122 -0.96 15.91 -15.89
CA ILE D 122 0.15 15.59 -15.00
C ILE D 122 0.23 14.07 -14.98
N GLY D 123 1.44 13.55 -15.07
CA GLY D 123 1.63 12.13 -14.85
C GLY D 123 1.25 11.72 -13.44
N ALA D 124 0.80 10.49 -13.31
CA ALA D 124 0.35 9.96 -12.03
C ALA D 124 0.68 8.48 -11.96
N VAL D 125 1.15 8.00 -10.80
CA VAL D 125 1.58 6.61 -10.63
C VAL D 125 0.61 5.88 -9.71
N ALA D 126 0.08 4.76 -10.18
CA ALA D 126 -0.89 3.95 -9.45
C ALA D 126 -0.15 2.89 -8.63
N LEU D 127 0.59 3.39 -7.64
CA LEU D 127 1.33 2.61 -6.66
C LEU D 127 0.90 3.08 -5.27
N ASP D 128 0.62 2.11 -4.39
CA ASP D 128 -0.04 2.37 -3.11
C ASP D 128 0.88 2.01 -1.95
N TYR D 129 1.37 3.04 -1.24
CA TYR D 129 2.26 2.93 -0.08
C TYR D 129 1.75 3.76 1.09
N PRO D 130 2.25 3.51 2.31
CA PRO D 130 1.75 4.28 3.45
C PRO D 130 2.13 5.75 3.34
N ALA D 131 1.36 6.58 4.04
CA ALA D 131 1.56 8.02 3.99
C ALA D 131 2.98 8.47 4.31
N GLY D 132 3.74 7.73 5.11
CA GLY D 132 5.09 8.17 5.45
C GLY D 132 6.14 7.91 4.39
N THR D 133 5.69 7.34 3.26
CA THR D 133 6.45 7.20 2.04
C THR D 133 6.43 8.51 1.25
N SER D 134 5.55 9.44 1.62
CA SER D 134 5.42 10.71 0.90
C SER D 134 6.78 11.39 0.77
N GLY D 135 7.10 11.86 -0.45
CA GLY D 135 8.36 12.48 -0.75
C GLY D 135 9.36 11.57 -1.43
N SER D 136 9.04 10.28 -1.55
CA SER D 136 9.92 9.35 -2.25
C SER D 136 10.06 9.79 -3.71
N PRO D 137 11.27 9.70 -4.31
CA PRO D 137 11.44 10.15 -5.71
C PRO D 137 10.97 9.17 -6.75
N ILE D 138 10.41 9.73 -7.80
CA ILE D 138 10.11 9.01 -9.02
C ILE D 138 11.17 9.35 -10.06
N LEU D 139 11.64 8.32 -10.77
CA LEU D 139 12.85 8.41 -11.58
C LEU D 139 12.56 8.07 -13.04
N ASP D 140 13.29 8.72 -13.96
CA ASP D 140 13.38 8.29 -15.35
C ASP D 140 14.58 7.34 -15.55
N LYS D 141 14.68 6.80 -16.76
CA LYS D 141 15.67 5.76 -17.00
C LYS D 141 17.10 6.23 -16.76
N SER D 142 17.38 7.53 -16.90
CA SER D 142 18.67 8.12 -16.60
C SER D 142 18.96 8.22 -15.12
N GLY D 143 18.01 7.84 -14.27
CA GLY D 143 18.18 8.04 -12.85
C GLY D 143 17.88 9.44 -12.35
N ARG D 144 17.37 10.33 -13.21
CA ARG D 144 17.02 11.69 -12.76
C ARG D 144 15.64 11.70 -12.11
N VAL D 145 15.47 12.59 -11.13
CA VAL D 145 14.24 12.62 -10.35
C VAL D 145 13.22 13.46 -11.13
N ILE D 146 12.15 12.83 -11.60
CA ILE D 146 11.13 13.54 -12.39
C ILE D 146 9.96 14.03 -11.53
N GLY D 147 9.99 13.77 -10.23
CA GLY D 147 9.01 14.31 -9.31
C GLY D 147 9.02 13.48 -8.04
N LEU D 148 8.23 13.93 -7.08
CA LEU D 148 8.04 13.25 -5.81
C LEU D 148 6.64 12.64 -5.65
N TYR D 149 6.61 11.50 -4.96
CA TYR D 149 5.42 10.68 -4.73
C TYR D 149 4.75 11.11 -3.43
N GLY D 150 3.43 11.21 -3.45
CA GLY D 150 2.71 11.33 -2.21
C GLY D 150 1.64 12.39 -2.11
N ASN D 151 1.33 13.08 -3.21
CA ASN D 151 0.18 13.94 -3.26
C ASN D 151 -0.73 13.42 -4.36
N GLY D 152 -1.90 12.96 -3.98
CA GLY D 152 -2.77 12.26 -4.89
C GLY D 152 -4.20 12.04 -4.39
N VAL D 153 -4.83 10.94 -4.80
CA VAL D 153 -6.24 10.69 -4.52
C VAL D 153 -6.47 9.23 -4.26
N VAL D 154 -7.47 8.96 -3.41
CA VAL D 154 -7.95 7.60 -3.16
C VAL D 154 -9.15 7.38 -4.07
N ILE D 155 -9.13 6.28 -4.83
CA ILE D 155 -10.17 6.04 -5.80
C ILE D 155 -11.14 5.04 -5.19
N LYS D 156 -12.08 4.56 -5.99
CA LYS D 156 -13.30 4.02 -5.44
C LYS D 156 -13.07 2.66 -4.82
N ASN D 157 -12.10 1.90 -5.32
CA ASN D 157 -11.81 0.57 -4.80
C ASN D 157 -10.83 0.60 -3.63
N GLY D 158 -10.57 1.78 -3.08
CA GLY D 158 -9.75 1.90 -1.90
C GLY D 158 -8.30 2.18 -2.18
N SER D 159 -7.86 2.00 -3.42
CA SER D 159 -6.45 2.17 -3.77
C SER D 159 -6.05 3.62 -3.93
N TYR D 160 -4.74 3.85 -4.01
CA TYR D 160 -4.18 5.20 -4.06
C TYR D 160 -3.45 5.45 -5.36
N VAL D 161 -3.66 6.64 -5.94
CA VAL D 161 -2.93 7.11 -7.10
C VAL D 161 -2.29 8.45 -6.75
N SER D 162 -0.99 8.57 -7.05
CA SER D 162 -0.21 9.75 -6.72
C SER D 162 0.14 10.57 -7.97
N ALA D 163 0.01 11.88 -7.90
CA ALA D 163 0.60 12.74 -8.93
C ALA D 163 2.10 12.52 -8.95
N ILE D 164 2.73 12.75 -10.11
CA ILE D 164 4.18 12.93 -10.19
C ILE D 164 4.42 14.43 -10.03
N THR D 165 4.73 14.86 -8.80
CA THR D 165 4.80 16.28 -8.45
C THR D 165 6.23 16.76 -8.64
N GLN D 166 6.40 17.73 -9.52
CA GLN D 166 7.69 18.29 -9.82
C GLN D 166 7.65 19.80 -9.69
N GLY D 167 8.77 20.35 -9.23
CA GLY D 167 8.91 21.78 -9.04
C GLY D 167 9.63 22.40 -10.22
N LYS D 168 10.01 23.65 -10.04
CA LYS D 168 10.70 24.42 -11.07
C LYS D 168 12.10 24.80 -10.59
N ARG D 169 13.07 24.66 -11.49
CA ARG D 169 14.43 25.11 -11.26
C ARG D 169 14.62 26.47 -11.93
N GLU D 170 15.01 27.47 -11.16
CA GLU D 170 15.07 28.86 -11.67
C GLU D 170 16.43 29.27 -12.21
C4 A1CDZ E . -3.60 8.78 1.13
C5 A1CDZ E . -2.09 8.69 1.08
C6 A1CDZ E . -1.31 9.81 1.24
C7 A1CDZ E . 0.04 9.79 0.95
C8 A1CDZ E . 0.65 8.63 0.51
C1 A1CDZ E . -6.09 10.40 1.63
C11 A1CDZ E . -0.13 7.49 0.36
C12 A1CDZ E . -1.48 7.52 0.65
C3 A1CDZ E . -4.27 8.92 2.48
C9 A1CDZ E . 2.06 8.60 0.27
N10 A1CDZ E . 3.20 8.57 0.12
N2 A1CDZ E . -4.99 10.22 2.61
H4B A1CDZ E . -3.96 7.99 0.69
H4A A1CDZ E . -3.86 9.54 0.57
H6 A1CDZ E . -1.70 10.65 1.55
H7 A1CDZ E . 0.57 10.61 1.06
H1B A1CDZ E . -5.98 11.27 1.21
H1C A1CDZ E . -6.93 10.35 2.10
H1A A1CDZ E . -6.02 9.69 0.96
H11 A1CDZ E . 0.29 6.65 0.05
H12 A1CDZ E . -1.99 6.70 0.53
H3B A1CDZ E . -3.60 8.90 3.20
H3A A1CDZ E . -4.93 8.22 2.63
H2 A1CDZ E . -4.41 10.89 2.52
H2B A1CDZ E . -5.32 10.30 3.43
#